data_2G8Z
#
_entry.id   2G8Z
#
_cell.length_a   62.870
_cell.length_b   66.260
_cell.length_c   107.498
_cell.angle_alpha   90.00
_cell.angle_beta   90.00
_cell.angle_gamma   90.00
#
_symmetry.space_group_name_H-M   'P 21 21 21'
#
loop_
_entity.id
_entity.type
_entity.pdbx_description
1 polymer 'Chitinase-3-like protein 1'
2 polymer (TRP)(PRO)(TRP)
3 branched alpha-D-mannopyranose-(1-3)-[alpha-D-mannopyranose-(1-6)]alpha-D-mannopyranose-(1-4)-2-acetamido-2-deoxy-beta-D-glucopyranose-(1-4)-2-acetamido-2-deoxy-beta-D-glucopyranose
4 branched 2-acetamido-2-deoxy-beta-D-glucopyranose-(1-4)-2-acetamido-2-deoxy-beta-D-glucopyranose-(1-4)-2-acetamido-2-deoxy-beta-D-glucopyranose
5 water water
#
loop_
_entity_poly.entity_id
_entity_poly.type
_entity_poly.pdbx_seq_one_letter_code
_entity_poly.pdbx_strand_id
1 'polypeptide(L)'
;YKLICYYTSWSQYREGDGSCFPDAIDPFLCTHVIYSFANISNNEIDTWEWNDVTLYDTLNTLKNRNPKLKTLLSVGGWNF
GPERFSAIASKTQSRRTFIKSVPPFLRTHGFDGLDLAWLYPGRRDKRHLTTLVKEMKAEFIREAQAGTEQLLLSAAVSAG
KIAIDRGYDIAQISRHLDFISLLTYDFHGAWRQTVGHHSPLFAGNEDASSRFSNADYAVSYMLRLGAPANKLVMGIPTFG
RSFTLASSKTDVGAPVSGPGVPGRFTKEKGILAYYEICDFLHGATTHRFRDQQVPYATKGNQWVAYDDQESVKNKARYLK
NRQLAGAMVWALDLDDFRGTFCGQNLTFPLTSAVKDVLAEV
;
A
2 'polypeptide(L)' WPW P
#
loop_
_chem_comp.id
_chem_comp.type
_chem_comp.name
_chem_comp.formula
MAN D-saccharide, alpha linking alpha-D-mannopyranose 'C6 H12 O6'
NAG D-saccharide, beta linking 2-acetamido-2-deoxy-beta-D-glucopyranose 'C8 H15 N O6'
#
# COMPACT_ATOMS: atom_id res chain seq x y z
N TYR A 1 -5.19 17.61 -2.60
CA TYR A 1 -4.64 16.26 -2.86
C TYR A 1 -4.83 15.37 -1.63
N LYS A 2 -5.04 14.08 -1.86
CA LYS A 2 -5.20 13.15 -0.74
C LYS A 2 -3.85 12.49 -0.47
N LEU A 3 -3.60 12.17 0.79
CA LEU A 3 -2.39 11.47 1.17
C LEU A 3 -2.91 10.32 2.04
N ILE A 4 -3.07 9.16 1.42
CA ILE A 4 -3.59 7.98 2.10
C ILE A 4 -2.42 7.19 2.71
N CYS A 5 -2.47 6.93 4.01
CA CYS A 5 -1.38 6.22 4.66
C CYS A 5 -1.82 4.98 5.43
N TYR A 6 -1.17 3.86 5.18
CA TYR A 6 -1.48 2.62 5.86
C TYR A 6 -0.65 2.43 7.13
N TYR A 7 -1.28 1.86 8.15
CA TYR A 7 -0.60 1.55 9.40
C TYR A 7 -0.91 0.06 9.59
N THR A 8 0.12 -0.74 9.88
CA THR A 8 -0.11 -2.18 10.03
C THR A 8 -0.10 -2.68 11.47
N SER A 9 -1.07 -3.53 11.79
CA SER A 9 -1.26 -4.12 13.11
C SER A 9 -0.06 -4.81 13.70
N TRP A 10 0.55 -5.68 12.91
CA TRP A 10 1.66 -6.47 13.36
C TRP A 10 2.94 -5.71 13.68
N SER A 11 2.98 -4.42 13.37
CA SER A 11 4.19 -3.65 13.64
C SER A 11 4.38 -3.32 15.12
N GLN A 12 3.38 -3.63 15.93
CA GLN A 12 3.47 -3.38 17.37
C GLN A 12 4.42 -4.39 18.00
N TYR A 13 4.60 -5.53 17.32
CA TYR A 13 5.43 -6.61 17.84
C TYR A 13 6.93 -6.55 17.55
N ARG A 14 7.37 -5.63 16.71
CA ARG A 14 8.78 -5.54 16.39
C ARG A 14 9.55 -5.14 17.63
N GLU A 15 10.80 -5.57 17.76
CA GLU A 15 11.50 -5.22 18.97
C GLU A 15 12.21 -3.88 19.01
N GLY A 16 12.30 -3.34 20.21
CA GLY A 16 12.94 -2.07 20.42
C GLY A 16 12.23 -0.93 19.72
N ASP A 17 13.03 -0.07 19.11
CA ASP A 17 12.55 1.10 18.38
C ASP A 17 11.67 0.75 17.18
N GLY A 18 11.78 -0.48 16.69
CA GLY A 18 10.97 -0.88 15.56
C GLY A 18 9.50 -0.94 15.91
N SER A 19 9.20 -1.12 17.19
CA SER A 19 7.83 -1.20 17.68
C SER A 19 7.08 0.08 17.36
N CYS A 20 5.94 -0.05 16.70
CA CYS A 20 5.15 1.11 16.33
C CYS A 20 3.69 0.99 16.69
N PHE A 21 3.20 1.95 17.47
CA PHE A 21 1.80 1.99 17.87
C PHE A 21 1.17 3.22 17.22
N PRO A 22 -0.16 3.20 17.03
CA PRO A 22 -0.85 4.33 16.41
C PRO A 22 -0.52 5.71 16.93
N ASP A 23 -0.18 5.83 18.21
CA ASP A 23 0.12 7.16 18.75
C ASP A 23 1.45 7.75 18.30
N ALA A 24 2.21 6.99 17.51
CA ALA A 24 3.47 7.50 17.01
C ALA A 24 3.17 8.28 15.73
N ILE A 25 1.92 8.17 15.28
CA ILE A 25 1.49 8.83 14.05
C ILE A 25 1.15 10.30 14.19
N ASP A 26 1.82 11.14 13.41
CA ASP A 26 1.57 12.57 13.41
C ASP A 26 0.18 12.77 12.81
N PRO A 27 -0.75 13.36 13.58
CA PRO A 27 -2.14 13.62 13.17
C PRO A 27 -2.32 14.48 11.92
N PHE A 28 -1.33 15.31 11.64
CA PHE A 28 -1.43 16.22 10.52
C PHE A 28 -0.61 15.81 9.30
N LEU A 29 -0.01 14.64 9.37
CA LEU A 29 0.81 14.15 8.28
C LEU A 29 -0.04 13.75 7.07
N CYS A 30 -0.97 12.81 7.28
CA CYS A 30 -1.80 12.32 6.18
C CYS A 30 -3.24 12.84 6.24
N THR A 31 -3.97 12.68 5.14
CA THR A 31 -5.37 13.12 5.15
C THR A 31 -6.25 11.94 5.55
N HIS A 32 -5.79 10.73 5.25
CA HIS A 32 -6.51 9.50 5.57
C HIS A 32 -5.56 8.45 6.10
N VAL A 33 -5.91 7.79 7.20
CA VAL A 33 -5.05 6.74 7.72
C VAL A 33 -5.87 5.45 7.70
N ILE A 34 -5.28 4.41 7.13
CA ILE A 34 -5.96 3.11 7.01
C ILE A 34 -5.27 2.07 7.91
N TYR A 35 -6.06 1.45 8.77
CA TYR A 35 -5.57 0.41 9.68
C TYR A 35 -5.68 -0.95 8.98
N SER A 36 -4.56 -1.68 8.85
CA SER A 36 -4.60 -3.00 8.21
C SER A 36 -4.20 -4.09 9.20
N PHE A 37 -4.90 -5.22 9.23
CA PHE A 37 -6.05 -5.55 8.38
C PHE A 37 -7.16 -6.14 9.28
N ALA A 38 -8.42 -5.99 8.88
CA ALA A 38 -9.51 -6.57 9.64
C ALA A 38 -9.62 -8.00 9.10
N ASN A 39 -10.39 -8.86 9.76
CA ASN A 39 -10.55 -10.26 9.35
C ASN A 39 -12.03 -10.47 9.03
N ILE A 40 -12.38 -11.65 8.53
CA ILE A 40 -13.78 -11.97 8.27
C ILE A 40 -14.07 -13.31 8.94
N SER A 41 -15.06 -13.32 9.83
CA SER A 41 -15.45 -14.53 10.55
C SER A 41 -16.95 -14.75 10.51
N ASN A 42 -17.36 -15.96 10.21
CA ASN A 42 -18.78 -16.27 10.14
C ASN A 42 -19.40 -15.25 9.21
N ASN A 43 -18.67 -14.96 8.14
CA ASN A 43 -19.08 -14.01 7.11
C ASN A 43 -19.36 -12.60 7.60
N GLU A 44 -18.76 -12.24 8.73
CA GLU A 44 -18.91 -10.92 9.30
C GLU A 44 -17.53 -10.29 9.50
N ILE A 45 -17.42 -8.98 9.34
CA ILE A 45 -16.13 -8.33 9.54
C ILE A 45 -15.79 -8.51 11.02
N ASP A 46 -14.51 -8.61 11.33
CA ASP A 46 -14.11 -8.85 12.70
C ASP A 46 -12.69 -8.39 12.94
N THR A 47 -12.29 -8.33 14.20
CA THR A 47 -10.94 -7.92 14.57
C THR A 47 -9.96 -9.02 14.19
N TRP A 48 -8.68 -8.71 14.22
CA TRP A 48 -7.64 -9.66 13.87
C TRP A 48 -6.73 -9.93 15.06
N GLU A 49 -6.09 -8.88 15.55
CA GLU A 49 -5.19 -8.98 16.69
C GLU A 49 -6.00 -8.91 17.97
N TRP A 50 -5.48 -9.53 19.03
CA TRP A 50 -6.14 -9.55 20.33
C TRP A 50 -6.41 -8.14 20.87
N ASN A 51 -5.51 -7.20 20.62
CA ASN A 51 -5.73 -5.85 21.14
C ASN A 51 -6.25 -4.83 20.11
N ASP A 52 -6.80 -5.31 18.99
CA ASP A 52 -7.31 -4.40 17.97
C ASP A 52 -8.29 -3.31 18.47
N VAL A 53 -9.30 -3.67 19.26
CA VAL A 53 -10.22 -2.63 19.69
C VAL A 53 -9.52 -1.56 20.53
N THR A 54 -8.39 -1.90 21.13
CA THR A 54 -7.62 -0.92 21.91
C THR A 54 -6.85 -0.05 20.91
N LEU A 55 -6.26 -0.68 19.88
CA LEU A 55 -5.50 0.08 18.90
C LEU A 55 -6.45 0.92 18.03
N TYR A 56 -7.65 0.41 17.77
CA TYR A 56 -8.62 1.18 16.99
C TYR A 56 -8.86 2.48 17.74
N ASP A 57 -9.11 2.36 19.04
CA ASP A 57 -9.38 3.51 19.87
C ASP A 57 -8.21 4.49 19.88
N THR A 58 -6.98 3.97 19.98
CA THR A 58 -5.79 4.81 20.00
C THR A 58 -5.66 5.58 18.68
N LEU A 59 -5.85 4.87 17.56
CA LEU A 59 -5.76 5.47 16.23
C LEU A 59 -6.82 6.56 16.05
N ASN A 60 -8.07 6.23 16.34
CA ASN A 60 -9.14 7.18 16.16
C ASN A 60 -9.11 8.39 17.10
N THR A 61 -8.29 8.36 18.15
CA THR A 61 -8.20 9.52 19.05
C THR A 61 -7.38 10.61 18.40
N LEU A 62 -6.63 10.26 17.35
CA LEU A 62 -5.81 11.24 16.64
C LEU A 62 -6.75 12.29 16.06
N LYS A 63 -8.00 11.88 15.88
CA LYS A 63 -9.00 12.80 15.35
C LYS A 63 -9.36 13.86 16.38
N ASN A 64 -8.92 13.70 17.62
CA ASN A 64 -9.19 14.71 18.64
C ASN A 64 -8.26 15.90 18.39
N ARG A 65 -7.11 15.65 17.76
CA ARG A 65 -6.16 16.69 17.47
C ARG A 65 -6.34 17.28 16.07
N ASN A 66 -6.69 16.42 15.11
CA ASN A 66 -6.93 16.90 13.75
C ASN A 66 -8.29 16.43 13.30
N PRO A 67 -9.33 17.24 13.56
CA PRO A 67 -10.71 16.96 13.19
C PRO A 67 -10.98 16.59 11.72
N LYS A 68 -10.10 17.00 10.81
CA LYS A 68 -10.29 16.72 9.40
C LYS A 68 -9.77 15.34 8.98
N LEU A 69 -9.00 14.70 9.86
CA LEU A 69 -8.43 13.39 9.59
C LEU A 69 -9.52 12.32 9.42
N LYS A 70 -9.39 11.49 8.39
CA LYS A 70 -10.35 10.41 8.17
C LYS A 70 -9.62 9.09 8.38
N THR A 71 -10.32 8.11 8.94
CA THR A 71 -9.70 6.80 9.13
C THR A 71 -10.56 5.74 8.45
N LEU A 72 -9.92 4.67 8.01
CA LEU A 72 -10.61 3.57 7.36
C LEU A 72 -10.02 2.27 7.89
N LEU A 73 -10.80 1.20 7.81
CA LEU A 73 -10.34 -0.10 8.24
C LEU A 73 -10.25 -0.92 6.97
N SER A 74 -9.11 -1.59 6.76
CA SER A 74 -8.92 -2.39 5.56
C SER A 74 -9.19 -3.87 5.82
N VAL A 75 -10.00 -4.52 4.99
CA VAL A 75 -10.27 -5.96 5.15
C VAL A 75 -9.50 -6.72 4.09
N GLY A 76 -8.97 -7.88 4.46
CA GLY A 76 -8.23 -8.67 3.50
C GLY A 76 -6.76 -8.72 3.85
N GLY A 77 -5.93 -8.35 2.88
CA GLY A 77 -4.50 -8.37 3.09
C GLY A 77 -3.90 -9.66 2.59
N TRP A 78 -2.59 -9.80 2.72
CA TRP A 78 -1.88 -11.01 2.28
C TRP A 78 -2.15 -12.25 3.05
N ASN A 79 -2.06 -12.15 4.36
CA ASN A 79 -2.28 -13.32 5.17
C ASN A 79 -3.75 -13.70 5.16
N PHE A 80 -4.50 -13.09 4.24
CA PHE A 80 -5.91 -13.41 4.09
C PHE A 80 -5.99 -14.13 2.75
N GLY A 81 -6.38 -15.40 2.79
CA GLY A 81 -6.48 -16.14 1.55
C GLY A 81 -7.43 -15.53 0.54
N PRO A 82 -6.98 -15.34 -0.71
CA PRO A 82 -7.83 -14.76 -1.76
C PRO A 82 -9.05 -15.65 -1.96
N GLU A 83 -8.85 -16.95 -1.79
CA GLU A 83 -9.92 -17.91 -1.96
C GLU A 83 -11.03 -17.62 -0.97
N ARG A 84 -10.66 -17.23 0.25
CA ARG A 84 -11.65 -16.91 1.27
C ARG A 84 -12.52 -15.74 0.80
N PHE A 85 -11.89 -14.73 0.20
CA PHE A 85 -12.64 -13.60 -0.31
C PHE A 85 -13.53 -14.10 -1.43
N SER A 86 -12.96 -15.00 -2.21
CA SER A 86 -13.65 -15.59 -3.34
C SER A 86 -14.97 -16.23 -2.93
N ALA A 87 -14.90 -17.13 -1.95
CA ALA A 87 -16.10 -17.83 -1.48
C ALA A 87 -17.16 -16.90 -0.92
N ILE A 88 -16.73 -15.85 -0.21
CA ILE A 88 -17.68 -14.90 0.37
C ILE A 88 -18.43 -14.09 -0.69
N ALA A 89 -17.74 -13.63 -1.72
CA ALA A 89 -18.36 -12.82 -2.77
C ALA A 89 -19.19 -13.57 -3.81
N SER A 90 -18.89 -14.85 -4.05
CA SER A 90 -19.58 -15.67 -5.04
C SER A 90 -21.04 -15.95 -4.78
N LYS A 91 -21.43 -15.97 -3.51
CA LYS A 91 -22.80 -16.28 -3.13
C LYS A 91 -23.54 -15.07 -2.60
N THR A 92 -24.67 -14.75 -3.21
CA THR A 92 -25.46 -13.61 -2.80
C THR A 92 -25.71 -13.56 -1.29
N GLN A 93 -25.99 -14.71 -0.69
CA GLN A 93 -26.28 -14.77 0.73
C GLN A 93 -25.11 -14.46 1.67
N SER A 94 -23.94 -15.01 1.39
CA SER A 94 -22.80 -14.74 2.28
C SER A 94 -22.29 -13.33 2.04
N ARG A 95 -22.46 -12.83 0.82
CA ARG A 95 -22.02 -11.49 0.46
C ARG A 95 -22.84 -10.43 1.21
N ARG A 96 -24.16 -10.62 1.16
CA ARG A 96 -25.12 -9.74 1.78
C ARG A 96 -24.94 -9.75 3.31
N THR A 97 -24.59 -10.91 3.86
CA THR A 97 -24.35 -11.01 5.28
C THR A 97 -23.11 -10.17 5.64
N PHE A 98 -22.05 -10.32 4.86
CA PHE A 98 -20.82 -9.56 5.11
C PHE A 98 -21.11 -8.06 5.00
N ILE A 99 -21.77 -7.64 3.93
CA ILE A 99 -22.10 -6.25 3.72
C ILE A 99 -22.88 -5.62 4.87
N LYS A 100 -23.86 -6.34 5.39
CA LYS A 100 -24.68 -5.83 6.50
C LYS A 100 -23.93 -5.64 7.80
N SER A 101 -22.89 -6.43 8.01
CA SER A 101 -22.11 -6.38 9.24
C SER A 101 -21.12 -5.24 9.30
N VAL A 102 -20.80 -4.63 8.15
CA VAL A 102 -19.80 -3.58 8.13
C VAL A 102 -20.11 -2.24 8.77
N PRO A 103 -21.20 -1.56 8.36
CA PRO A 103 -21.51 -0.26 8.98
C PRO A 103 -21.52 -0.19 10.51
N PRO A 104 -22.27 -1.09 11.19
CA PRO A 104 -22.31 -1.07 12.66
C PRO A 104 -20.94 -1.21 13.28
N PHE A 105 -20.12 -2.07 12.68
CA PHE A 105 -18.77 -2.33 13.17
C PHE A 105 -17.93 -1.04 13.08
N LEU A 106 -17.95 -0.42 11.91
CA LEU A 106 -17.21 0.81 11.67
C LEU A 106 -17.70 1.93 12.59
N ARG A 107 -19.02 2.04 12.75
CA ARG A 107 -19.61 3.07 13.60
C ARG A 107 -19.21 2.87 15.06
N THR A 108 -19.20 1.62 15.50
CA THR A 108 -18.85 1.26 16.86
C THR A 108 -17.41 1.61 17.18
N HIS A 109 -16.50 1.31 16.27
CA HIS A 109 -15.10 1.59 16.54
C HIS A 109 -14.58 2.95 16.07
N GLY A 110 -15.44 3.74 15.46
CA GLY A 110 -15.04 5.08 15.05
C GLY A 110 -14.36 5.29 13.72
N PHE A 111 -14.54 4.36 12.79
CA PHE A 111 -13.95 4.49 11.48
C PHE A 111 -14.86 5.26 10.55
N ASP A 112 -14.27 5.89 9.54
CA ASP A 112 -15.02 6.67 8.57
C ASP A 112 -15.21 5.91 7.26
N GLY A 113 -14.61 4.75 7.15
CA GLY A 113 -14.75 4.00 5.92
C GLY A 113 -14.14 2.62 5.91
N LEU A 114 -14.36 1.93 4.79
CA LEU A 114 -13.85 0.58 4.60
C LEU A 114 -12.93 0.51 3.39
N ASP A 115 -11.79 -0.15 3.55
CA ASP A 115 -10.86 -0.32 2.44
C ASP A 115 -10.84 -1.80 2.07
N LEU A 116 -11.04 -2.10 0.80
CA LEU A 116 -11.03 -3.49 0.36
C LEU A 116 -9.68 -3.87 -0.17
N ALA A 117 -9.05 -4.84 0.48
CA ALA A 117 -7.73 -5.29 0.02
C ALA A 117 -7.84 -6.75 -0.43
N TRP A 118 -8.67 -6.98 -1.44
CA TRP A 118 -8.86 -8.30 -2.01
C TRP A 118 -7.66 -8.50 -2.93
N LEU A 119 -6.73 -9.34 -2.51
CA LEU A 119 -5.50 -9.57 -3.27
C LEU A 119 -5.24 -11.03 -3.67
N TYR A 120 -5.50 -11.47 -4.90
CA TYR A 120 -6.05 -10.68 -6.00
C TYR A 120 -7.19 -11.49 -6.61
N PRO A 121 -8.16 -10.82 -7.25
CA PRO A 121 -9.28 -11.55 -7.85
C PRO A 121 -8.81 -12.21 -9.12
N GLY A 122 -9.24 -13.44 -9.35
CA GLY A 122 -8.83 -14.12 -10.56
C GLY A 122 -9.87 -13.87 -11.63
N ARG A 123 -9.74 -14.58 -12.74
CA ARG A 123 -10.67 -14.47 -13.86
C ARG A 123 -12.11 -14.76 -13.42
N ARG A 124 -12.29 -15.79 -12.59
CA ARG A 124 -13.61 -16.17 -12.14
C ARG A 124 -14.23 -15.24 -11.09
N ASP A 125 -13.44 -14.33 -10.53
CA ASP A 125 -13.92 -13.41 -9.50
C ASP A 125 -14.37 -12.05 -10.00
N LYS A 126 -13.88 -11.63 -11.16
CA LYS A 126 -14.22 -10.31 -11.70
C LYS A 126 -15.67 -9.85 -11.51
N ARG A 127 -16.63 -10.67 -11.92
CA ARG A 127 -18.04 -10.33 -11.80
C ARG A 127 -18.55 -10.17 -10.37
N HIS A 128 -18.02 -10.99 -9.46
CA HIS A 128 -18.43 -10.93 -8.07
C HIS A 128 -17.82 -9.71 -7.36
N LEU A 129 -16.60 -9.35 -7.74
CA LEU A 129 -15.94 -8.19 -7.15
C LEU A 129 -16.82 -6.99 -7.47
N THR A 130 -17.25 -6.88 -8.72
CA THR A 130 -18.10 -5.77 -9.13
C THR A 130 -19.36 -5.72 -8.29
N THR A 131 -19.95 -6.89 -8.07
CA THR A 131 -21.16 -7.02 -7.27
C THR A 131 -20.93 -6.58 -5.83
N LEU A 132 -19.79 -6.98 -5.27
CA LEU A 132 -19.43 -6.64 -3.91
C LEU A 132 -19.30 -5.12 -3.71
N VAL A 133 -18.63 -4.46 -4.64
CA VAL A 133 -18.43 -3.03 -4.58
C VAL A 133 -19.75 -2.27 -4.71
N LYS A 134 -20.56 -2.66 -5.70
CA LYS A 134 -21.85 -2.03 -5.95
C LYS A 134 -22.76 -2.08 -4.73
N GLU A 135 -22.95 -3.30 -4.23
CA GLU A 135 -23.82 -3.54 -3.10
C GLU A 135 -23.30 -2.97 -1.79
N MET A 136 -21.98 -2.92 -1.62
CA MET A 136 -21.42 -2.35 -0.40
C MET A 136 -21.67 -0.84 -0.41
N LYS A 137 -21.49 -0.23 -1.58
CA LYS A 137 -21.72 1.21 -1.69
C LYS A 137 -23.19 1.54 -1.49
N ALA A 138 -24.08 0.72 -2.04
CA ALA A 138 -25.51 0.94 -1.90
C ALA A 138 -25.90 0.90 -0.42
N GLU A 139 -25.31 -0.02 0.32
CA GLU A 139 -25.58 -0.15 1.75
C GLU A 139 -25.07 1.08 2.48
N PHE A 140 -23.92 1.60 2.05
CA PHE A 140 -23.38 2.80 2.70
C PHE A 140 -24.29 3.99 2.43
N ILE A 141 -24.84 4.05 1.22
CA ILE A 141 -25.73 5.13 0.84
C ILE A 141 -26.99 5.07 1.71
N ARG A 142 -27.47 3.85 1.93
CA ARG A 142 -28.64 3.62 2.75
C ARG A 142 -28.41 4.00 4.21
N GLU A 143 -27.30 3.53 4.77
CA GLU A 143 -26.95 3.79 6.16
C GLU A 143 -26.85 5.26 6.52
N ALA A 144 -26.46 6.09 5.54
CA ALA A 144 -26.33 7.52 5.76
C ALA A 144 -27.67 8.24 5.93
N GLN A 145 -28.78 7.56 5.61
CA GLN A 145 -30.10 8.16 5.76
C GLN A 145 -30.38 8.43 7.23
N ALA A 146 -29.62 7.75 8.09
CA ALA A 146 -29.78 7.89 9.53
C ALA A 146 -29.21 9.20 10.06
N GLY A 147 -28.68 10.03 9.15
CA GLY A 147 -28.15 11.32 9.58
C GLY A 147 -26.66 11.41 9.87
N THR A 148 -25.94 10.32 9.69
CA THR A 148 -24.51 10.35 9.93
C THR A 148 -23.79 10.48 8.59
N GLU A 149 -22.57 10.99 8.63
CA GLU A 149 -21.77 11.17 7.43
C GLU A 149 -21.53 9.84 6.72
N GLN A 150 -21.87 9.81 5.44
CA GLN A 150 -21.71 8.60 4.64
C GLN A 150 -20.32 8.01 4.71
N LEU A 151 -20.27 6.71 4.92
CA LEU A 151 -19.02 5.97 5.01
C LEU A 151 -18.33 5.95 3.65
N LEU A 152 -17.00 5.97 3.67
CA LEU A 152 -16.20 5.94 2.46
C LEU A 152 -15.91 4.48 2.10
N LEU A 153 -15.73 4.23 0.81
CA LEU A 153 -15.41 2.90 0.32
C LEU A 153 -14.25 3.03 -0.66
N SER A 154 -13.17 2.31 -0.39
CA SER A 154 -11.99 2.35 -1.23
C SER A 154 -11.52 0.94 -1.49
N ALA A 155 -10.55 0.80 -2.38
CA ALA A 155 -10.01 -0.51 -2.72
C ALA A 155 -8.56 -0.38 -3.16
N ALA A 156 -7.74 -1.35 -2.78
CA ALA A 156 -6.35 -1.39 -3.17
C ALA A 156 -6.38 -2.33 -4.35
N VAL A 157 -5.82 -1.90 -5.48
CA VAL A 157 -5.84 -2.66 -6.73
C VAL A 157 -4.45 -2.91 -7.33
N SER A 158 -4.25 -4.10 -7.91
CA SER A 158 -2.96 -4.44 -8.53
C SER A 158 -2.60 -3.42 -9.61
N ALA A 159 -1.30 -3.22 -9.81
CA ALA A 159 -0.84 -2.31 -10.84
C ALA A 159 -0.30 -3.12 -12.00
N GLY A 160 -0.42 -4.44 -11.90
CA GLY A 160 0.05 -5.32 -12.94
C GLY A 160 -0.97 -5.53 -14.05
N LYS A 161 -0.56 -5.17 -15.26
CA LYS A 161 -1.37 -5.25 -16.48
C LYS A 161 -2.22 -6.52 -16.59
N ILE A 162 -1.57 -7.67 -16.43
CA ILE A 162 -2.26 -8.95 -16.53
C ILE A 162 -3.23 -9.19 -15.38
N ALA A 163 -2.86 -8.74 -14.18
CA ALA A 163 -3.71 -8.89 -13.02
C ALA A 163 -4.95 -8.03 -13.20
N ILE A 164 -4.76 -6.83 -13.75
CA ILE A 164 -5.86 -5.92 -13.98
C ILE A 164 -6.82 -6.47 -15.02
N ASP A 165 -6.29 -6.96 -16.14
CA ASP A 165 -7.13 -7.51 -17.20
C ASP A 165 -7.89 -8.74 -16.76
N ARG A 166 -7.26 -9.52 -15.90
CA ARG A 166 -7.84 -10.76 -15.39
C ARG A 166 -8.96 -10.58 -14.36
N GLY A 167 -8.70 -9.86 -13.27
CA GLY A 167 -9.71 -9.75 -12.23
C GLY A 167 -10.52 -8.50 -11.96
N TYR A 168 -10.36 -7.42 -12.71
CA TYR A 168 -11.11 -6.20 -12.41
C TYR A 168 -11.87 -5.56 -13.56
N ASP A 169 -13.06 -5.06 -13.26
CA ASP A 169 -13.86 -4.35 -14.25
C ASP A 169 -13.68 -2.91 -13.80
N ILE A 170 -12.52 -2.32 -14.13
CA ILE A 170 -12.19 -0.97 -13.71
C ILE A 170 -13.24 0.11 -13.98
N ALA A 171 -13.86 0.11 -15.15
CA ALA A 171 -14.87 1.11 -15.46
C ALA A 171 -16.06 1.04 -14.50
N GLN A 172 -16.44 -0.17 -14.13
CA GLN A 172 -17.56 -0.34 -13.22
C GLN A 172 -17.24 0.01 -11.77
N ILE A 173 -16.18 -0.55 -11.20
CA ILE A 173 -15.92 -0.27 -9.80
C ILE A 173 -15.49 1.17 -9.56
N SER A 174 -14.87 1.80 -10.54
CA SER A 174 -14.44 3.19 -10.38
C SER A 174 -15.60 4.11 -10.05
N ARG A 175 -16.78 3.85 -10.60
CA ARG A 175 -17.91 4.73 -10.32
C ARG A 175 -18.51 4.58 -8.93
N HIS A 176 -18.21 3.46 -8.26
CA HIS A 176 -18.73 3.22 -6.93
C HIS A 176 -17.73 3.46 -5.79
N LEU A 177 -16.45 3.48 -6.12
CA LEU A 177 -15.41 3.69 -5.11
C LEU A 177 -15.09 5.15 -4.92
N ASP A 178 -14.75 5.55 -3.70
CA ASP A 178 -14.41 6.95 -3.44
C ASP A 178 -12.97 7.19 -3.91
N PHE A 179 -12.14 6.16 -3.81
CA PHE A 179 -10.79 6.23 -4.33
C PHE A 179 -10.20 4.85 -4.50
N ILE A 180 -9.30 4.75 -5.47
CA ILE A 180 -8.62 3.53 -5.81
C ILE A 180 -7.13 3.73 -5.58
N SER A 181 -6.53 2.86 -4.76
CA SER A 181 -5.10 2.94 -4.49
C SER A 181 -4.40 1.95 -5.42
N LEU A 182 -3.49 2.46 -6.24
CA LEU A 182 -2.73 1.60 -7.17
C LEU A 182 -1.49 1.06 -6.48
N LEU A 183 -1.35 -0.26 -6.44
CA LEU A 183 -0.19 -0.88 -5.80
C LEU A 183 0.98 -0.87 -6.74
N THR A 184 1.46 0.33 -7.02
CA THR A 184 2.58 0.53 -7.95
C THR A 184 3.95 0.29 -7.32
N TYR A 185 4.10 -0.83 -6.63
CA TYR A 185 5.38 -1.16 -6.02
C TYR A 185 5.64 -2.66 -5.97
N ASP A 186 5.01 -3.39 -6.88
CA ASP A 186 5.22 -4.82 -6.91
C ASP A 186 5.55 -5.22 -8.34
N PHE A 187 6.48 -4.50 -8.94
CA PHE A 187 6.85 -4.75 -10.32
C PHE A 187 7.98 -5.73 -10.52
N HIS A 188 8.64 -6.08 -9.43
CA HIS A 188 9.70 -7.05 -9.51
C HIS A 188 9.62 -7.77 -8.20
N GLY A 189 10.47 -8.78 -8.07
CA GLY A 189 10.50 -9.54 -6.85
C GLY A 189 11.50 -10.65 -6.91
N ALA A 190 11.62 -11.33 -5.78
CA ALA A 190 12.56 -12.43 -5.60
C ALA A 190 11.96 -13.76 -6.01
N TRP A 191 10.93 -13.72 -6.84
CA TRP A 191 10.27 -14.91 -7.34
C TRP A 191 10.97 -15.22 -8.65
N ARG A 192 11.66 -14.19 -9.14
CA ARG A 192 12.43 -14.29 -10.37
C ARG A 192 13.89 -14.16 -9.97
N GLN A 193 14.71 -15.02 -10.56
CA GLN A 193 16.12 -15.09 -10.26
C GLN A 193 17.05 -14.10 -10.97
N THR A 194 16.75 -12.81 -10.87
CA THR A 194 17.56 -11.75 -11.45
C THR A 194 17.35 -10.51 -10.57
N VAL A 195 18.23 -9.52 -10.70
CA VAL A 195 18.11 -8.31 -9.89
C VAL A 195 17.27 -7.25 -10.63
N GLY A 196 16.41 -6.54 -9.91
CA GLY A 196 15.59 -5.52 -10.53
C GLY A 196 14.83 -4.68 -9.52
N HIS A 197 14.34 -3.52 -9.94
CA HIS A 197 13.62 -2.63 -9.04
C HIS A 197 12.13 -2.90 -9.08
N HIS A 198 11.52 -2.93 -7.90
CA HIS A 198 10.10 -3.21 -7.73
C HIS A 198 9.17 -2.01 -7.90
N SER A 199 9.72 -0.79 -7.96
CA SER A 199 8.87 0.39 -8.07
C SER A 199 9.42 1.47 -9.02
N PRO A 200 9.82 1.07 -10.24
CA PRO A 200 10.33 2.11 -11.14
C PRO A 200 9.21 3.03 -11.60
N LEU A 201 9.54 4.28 -11.84
CA LEU A 201 8.54 5.23 -12.28
C LEU A 201 8.31 5.09 -13.77
N PHE A 202 9.41 4.99 -14.52
CA PHE A 202 9.37 4.86 -15.96
C PHE A 202 9.96 3.54 -16.43
N ALA A 203 9.66 3.18 -17.68
CA ALA A 203 10.10 1.93 -18.27
C ALA A 203 11.59 1.63 -18.31
N GLY A 204 12.36 2.51 -18.94
CA GLY A 204 13.78 2.27 -19.04
C GLY A 204 14.09 1.55 -20.34
N ASN A 205 14.65 2.27 -21.30
CA ASN A 205 14.97 1.71 -22.61
C ASN A 205 15.89 0.47 -22.65
N GLU A 206 16.26 -0.10 -21.49
CA GLU A 206 17.13 -1.30 -21.48
C GLU A 206 16.39 -2.62 -21.33
N ASP A 207 17.19 -3.70 -21.22
CA ASP A 207 16.69 -5.08 -21.11
C ASP A 207 15.24 -5.09 -20.65
N ALA A 208 14.44 -5.12 -21.72
CA ALA A 208 12.99 -5.06 -21.76
C ALA A 208 12.30 -6.33 -22.25
N SER A 209 10.98 -6.31 -22.14
CA SER A 209 10.06 -7.36 -22.53
C SER A 209 8.83 -7.06 -21.69
N SER A 210 9.08 -6.47 -20.51
CA SER A 210 7.96 -6.13 -19.66
C SER A 210 7.28 -4.92 -20.28
N ARG A 211 7.90 -3.75 -20.21
CA ARG A 211 7.29 -2.59 -20.84
C ARG A 211 5.96 -2.28 -20.20
N PHE A 212 5.59 -3.02 -19.15
CA PHE A 212 4.32 -2.80 -18.46
C PHE A 212 4.56 -2.66 -16.97
N SER A 213 5.73 -3.08 -16.53
CA SER A 213 6.07 -3.06 -15.12
C SER A 213 6.71 -1.80 -14.57
N ASN A 214 5.98 -0.69 -14.66
CA ASN A 214 6.44 0.58 -14.16
C ASN A 214 5.19 1.39 -13.84
N ALA A 215 5.30 2.34 -12.91
CA ALA A 215 4.17 3.16 -12.50
C ALA A 215 3.50 3.94 -13.65
N ASP A 216 4.30 4.51 -14.55
CA ASP A 216 3.77 5.27 -15.65
C ASP A 216 2.83 4.44 -16.52
N TYR A 217 3.22 3.21 -16.84
CA TYR A 217 2.35 2.37 -17.65
C TYR A 217 1.05 2.08 -16.89
N ALA A 218 1.16 1.67 -15.64
CA ALA A 218 -0.01 1.36 -14.82
C ALA A 218 -1.01 2.52 -14.74
N VAL A 219 -0.51 3.72 -14.49
CA VAL A 219 -1.40 4.87 -14.40
C VAL A 219 -2.11 5.09 -15.74
N SER A 220 -1.34 5.15 -16.82
CA SER A 220 -1.89 5.35 -18.17
C SER A 220 -2.97 4.33 -18.51
N TYR A 221 -2.68 3.06 -18.24
CA TYR A 221 -3.62 1.98 -18.53
C TYR A 221 -4.93 2.16 -17.74
N MET A 222 -4.83 2.49 -16.46
CA MET A 222 -6.02 2.69 -15.63
C MET A 222 -6.87 3.83 -16.17
N LEU A 223 -6.21 4.91 -16.60
CA LEU A 223 -6.93 6.05 -17.16
C LEU A 223 -7.61 5.64 -18.46
N ARG A 224 -6.95 4.81 -19.25
CA ARG A 224 -7.53 4.36 -20.52
C ARG A 224 -8.71 3.41 -20.28
N LEU A 225 -8.64 2.60 -19.23
CA LEU A 225 -9.72 1.66 -18.95
C LEU A 225 -10.97 2.32 -18.39
N GLY A 226 -10.92 3.62 -18.10
CA GLY A 226 -12.10 4.30 -17.62
C GLY A 226 -12.13 4.87 -16.20
N ALA A 227 -11.03 4.75 -15.47
CA ALA A 227 -10.99 5.27 -14.11
C ALA A 227 -10.61 6.75 -14.09
N PRO A 228 -11.44 7.60 -13.48
CA PRO A 228 -11.13 9.02 -13.42
C PRO A 228 -9.89 9.33 -12.61
N ALA A 229 -9.05 10.19 -13.16
CA ALA A 229 -7.84 10.59 -12.49
C ALA A 229 -8.19 11.07 -11.09
N ASN A 230 -9.34 11.71 -10.93
CA ASN A 230 -9.71 12.23 -9.61
C ASN A 230 -10.09 11.17 -8.58
N LYS A 231 -10.00 9.90 -8.96
CA LYS A 231 -10.29 8.81 -8.02
C LYS A 231 -9.07 7.90 -7.86
N LEU A 232 -8.03 8.16 -8.64
CA LEU A 232 -6.81 7.37 -8.61
C LEU A 232 -5.76 7.91 -7.67
N VAL A 233 -5.20 7.03 -6.86
CA VAL A 233 -4.16 7.38 -5.93
C VAL A 233 -2.98 6.44 -6.19
N MET A 234 -1.81 7.02 -6.44
CA MET A 234 -0.62 6.24 -6.74
C MET A 234 0.12 5.78 -5.49
N GLY A 235 0.41 4.49 -5.42
CA GLY A 235 1.10 3.92 -4.29
C GLY A 235 2.58 4.18 -4.26
N ILE A 236 3.09 4.59 -3.11
CA ILE A 236 4.50 4.89 -2.93
C ILE A 236 5.08 4.08 -1.77
N PRO A 237 6.15 3.30 -2.03
CA PRO A 237 6.86 2.44 -1.08
C PRO A 237 7.60 3.18 0.02
N THR A 238 7.70 2.55 1.17
CA THR A 238 8.43 3.10 2.28
C THR A 238 9.38 1.99 2.74
N PHE A 239 9.36 0.89 1.99
CA PHE A 239 10.23 -0.25 2.26
C PHE A 239 11.05 -0.49 1.01
N GLY A 240 11.98 -1.43 1.10
CA GLY A 240 12.81 -1.77 -0.04
C GLY A 240 12.81 -3.28 -0.19
N ARG A 241 13.23 -3.76 -1.34
CA ARG A 241 13.28 -5.20 -1.53
C ARG A 241 14.75 -5.56 -1.68
N SER A 242 15.16 -6.60 -0.96
CA SER A 242 16.56 -7.05 -0.95
C SER A 242 16.81 -8.39 -1.62
N PHE A 243 18.02 -8.55 -2.13
CA PHE A 243 18.42 -9.79 -2.80
C PHE A 243 19.81 -10.23 -2.39
N THR A 244 20.03 -11.54 -2.41
CA THR A 244 21.36 -12.08 -2.11
C THR A 244 21.93 -12.35 -3.49
N LEU A 245 23.05 -11.70 -3.82
CA LEU A 245 23.68 -11.87 -5.12
C LEU A 245 24.30 -13.26 -5.29
N ALA A 246 24.30 -13.76 -6.52
CA ALA A 246 24.88 -15.07 -6.80
C ALA A 246 26.29 -14.90 -7.37
N SER A 247 26.67 -13.65 -7.61
CA SER A 247 28.00 -13.36 -8.14
C SER A 247 28.45 -11.98 -7.72
N SER A 248 29.66 -11.60 -8.13
CA SER A 248 30.19 -10.29 -7.79
C SER A 248 29.62 -9.18 -8.66
N LYS A 249 28.73 -9.53 -9.60
CA LYS A 249 28.14 -8.52 -10.48
C LYS A 249 26.98 -7.79 -9.79
N THR A 250 26.94 -6.48 -9.98
CA THR A 250 25.95 -5.60 -9.36
C THR A 250 25.01 -4.85 -10.33
N ASP A 251 25.34 -4.80 -11.60
CA ASP A 251 24.49 -4.07 -12.54
C ASP A 251 23.30 -4.84 -13.08
N VAL A 252 22.44 -4.11 -13.77
CA VAL A 252 21.22 -4.66 -14.37
C VAL A 252 21.41 -6.09 -14.87
N GLY A 253 20.48 -6.96 -14.49
CA GLY A 253 20.55 -8.36 -14.91
C GLY A 253 21.38 -9.27 -14.02
N ALA A 254 22.11 -8.67 -13.09
CA ALA A 254 22.96 -9.43 -12.17
C ALA A 254 22.26 -10.67 -11.59
N PRO A 255 22.92 -11.83 -11.68
CA PRO A 255 22.40 -13.10 -11.16
C PRO A 255 22.00 -12.99 -9.70
N VAL A 256 20.86 -13.56 -9.35
CA VAL A 256 20.38 -13.53 -7.97
C VAL A 256 20.31 -14.97 -7.49
N SER A 257 20.37 -15.17 -6.18
CA SER A 257 20.34 -16.51 -5.62
C SER A 257 19.17 -16.70 -4.67
N GLY A 258 18.50 -15.60 -4.35
CA GLY A 258 17.37 -15.65 -3.45
C GLY A 258 17.26 -14.32 -2.75
N PRO A 259 16.31 -14.18 -1.83
CA PRO A 259 16.06 -12.97 -1.05
C PRO A 259 17.23 -12.51 -0.20
N GLY A 260 17.11 -11.28 0.25
CA GLY A 260 18.14 -10.71 1.10
C GLY A 260 17.92 -11.13 2.53
N VAL A 261 19.02 -11.12 3.24
CA VAL A 261 19.09 -11.45 4.65
C VAL A 261 18.19 -10.49 5.44
N PRO A 262 17.32 -11.02 6.31
CA PRO A 262 16.41 -10.23 7.15
C PRO A 262 17.02 -9.02 7.86
N GLY A 263 16.16 -8.04 8.12
CA GLY A 263 16.60 -6.85 8.83
C GLY A 263 16.50 -7.12 10.32
N ARG A 264 17.27 -6.40 11.11
CA ARG A 264 17.26 -6.59 12.56
C ARG A 264 15.88 -6.38 13.17
N PHE A 265 15.12 -5.44 12.64
CA PHE A 265 13.81 -5.12 13.19
C PHE A 265 12.58 -5.73 12.51
N THR A 266 12.58 -5.78 11.18
CA THR A 266 11.43 -6.32 10.46
C THR A 266 11.44 -7.84 10.36
N LYS A 267 12.63 -8.43 10.46
CA LYS A 267 12.79 -9.87 10.45
C LYS A 267 12.10 -10.66 9.35
N GLU A 268 12.08 -10.13 8.13
CA GLU A 268 11.44 -10.80 7.02
C GLU A 268 12.39 -10.82 5.83
N LYS A 269 12.69 -12.00 5.31
CA LYS A 269 13.60 -12.13 4.19
C LYS A 269 13.03 -11.40 2.98
N GLY A 270 13.87 -10.65 2.27
CA GLY A 270 13.38 -9.98 1.08
C GLY A 270 12.89 -8.54 1.21
N ILE A 271 12.78 -8.04 2.42
CA ILE A 271 12.35 -6.67 2.57
C ILE A 271 12.99 -6.00 3.77
N LEU A 272 13.14 -4.69 3.65
CA LEU A 272 13.75 -3.86 4.67
C LEU A 272 12.94 -2.58 4.85
N ALA A 273 12.80 -2.13 6.09
CA ALA A 273 12.08 -0.89 6.32
C ALA A 273 13.02 0.23 5.88
N TYR A 274 12.48 1.40 5.62
CA TYR A 274 13.35 2.48 5.20
C TYR A 274 14.34 2.79 6.32
N TYR A 275 13.90 2.70 7.58
CA TYR A 275 14.80 2.99 8.67
C TYR A 275 15.94 1.98 8.74
N GLU A 276 15.69 0.76 8.28
CA GLU A 276 16.75 -0.25 8.28
C GLU A 276 17.71 0.03 7.11
N ILE A 277 17.16 0.54 6.01
CA ILE A 277 17.96 0.89 4.83
C ILE A 277 18.89 2.06 5.16
N CYS A 278 18.44 2.99 5.98
CA CYS A 278 19.26 4.12 6.36
C CYS A 278 20.51 3.63 7.07
N ASP A 279 20.34 2.57 7.86
CA ASP A 279 21.46 1.99 8.57
C ASP A 279 22.31 1.20 7.58
N PHE A 280 21.65 0.44 6.71
CA PHE A 280 22.31 -0.37 5.69
C PHE A 280 23.22 0.45 4.78
N LEU A 281 22.83 1.70 4.51
CA LEU A 281 23.60 2.55 3.61
C LEU A 281 25.02 2.87 4.05
N HIS A 282 25.27 2.85 5.34
CA HIS A 282 26.60 3.13 5.83
C HIS A 282 27.55 2.01 5.38
N GLY A 283 28.45 2.34 4.46
CA GLY A 283 29.40 1.35 3.95
C GLY A 283 28.95 0.68 2.67
N ALA A 284 27.79 1.09 2.17
CA ALA A 284 27.26 0.51 0.96
C ALA A 284 27.54 1.40 -0.23
N THR A 285 27.43 0.84 -1.42
CA THR A 285 27.63 1.61 -2.63
C THR A 285 26.24 1.93 -3.17
N THR A 286 25.95 3.21 -3.36
CA THR A 286 24.65 3.60 -3.86
C THR A 286 24.69 3.92 -5.35
N HIS A 287 23.62 3.54 -6.04
CA HIS A 287 23.50 3.75 -7.48
C HIS A 287 22.09 4.24 -7.76
N ARG A 288 21.84 4.66 -9.01
CA ARG A 288 20.51 5.11 -9.40
C ARG A 288 20.25 4.84 -10.86
N PHE A 289 19.07 4.28 -11.15
CA PHE A 289 18.68 4.01 -12.53
C PHE A 289 18.21 5.36 -13.08
N ARG A 290 18.94 5.85 -14.08
CA ARG A 290 18.63 7.13 -14.71
C ARG A 290 17.25 7.10 -15.37
N ASP A 291 17.00 6.08 -16.19
CA ASP A 291 15.73 5.94 -16.89
C ASP A 291 14.52 5.68 -15.98
N GLN A 292 14.69 4.77 -15.02
CA GLN A 292 13.61 4.42 -14.09
C GLN A 292 13.42 5.43 -12.96
N GLN A 293 14.46 6.22 -12.70
CA GLN A 293 14.46 7.26 -11.67
C GLN A 293 14.30 6.75 -10.24
N VAL A 294 14.91 5.60 -9.95
CA VAL A 294 14.86 5.02 -8.61
C VAL A 294 16.25 4.50 -8.23
N PRO A 295 16.58 4.51 -6.93
CA PRO A 295 17.89 4.05 -6.47
C PRO A 295 18.01 2.61 -6.01
N TYR A 296 19.24 2.16 -5.84
CA TYR A 296 19.52 0.82 -5.32
C TYR A 296 20.89 0.87 -4.66
N ALA A 297 21.16 -0.07 -3.76
CA ALA A 297 22.44 -0.07 -3.06
C ALA A 297 22.99 -1.47 -2.88
N THR A 298 24.30 -1.56 -2.67
CA THR A 298 24.94 -2.86 -2.49
C THR A 298 26.01 -2.82 -1.41
N LYS A 299 26.13 -3.94 -0.72
CA LYS A 299 27.10 -4.09 0.37
C LYS A 299 27.35 -5.59 0.40
N GLY A 300 28.60 -6.01 0.28
CA GLY A 300 28.89 -7.43 0.30
C GLY A 300 28.11 -8.13 -0.80
N ASN A 301 27.33 -9.15 -0.43
CA ASN A 301 26.52 -9.85 -1.43
C ASN A 301 25.04 -9.46 -1.30
N GLN A 302 24.78 -8.30 -0.72
CA GLN A 302 23.40 -7.83 -0.56
C GLN A 302 23.06 -6.69 -1.52
N TRP A 303 21.95 -6.84 -2.22
CA TRP A 303 21.50 -5.85 -3.19
C TRP A 303 20.11 -5.36 -2.78
N VAL A 304 19.96 -4.05 -2.62
CA VAL A 304 18.69 -3.48 -2.19
C VAL A 304 18.09 -2.44 -3.14
N ALA A 305 16.82 -2.64 -3.52
CA ALA A 305 16.08 -1.73 -4.38
C ALA A 305 15.19 -0.96 -3.42
N TYR A 306 15.31 0.37 -3.40
CA TYR A 306 14.51 1.16 -2.48
C TYR A 306 14.11 2.51 -3.06
N ASP A 307 13.47 3.32 -2.22
CA ASP A 307 13.03 4.66 -2.59
C ASP A 307 13.56 5.65 -1.56
N ASP A 308 14.12 6.76 -2.02
CA ASP A 308 14.61 7.77 -1.10
C ASP A 308 13.81 9.05 -1.26
N GLN A 309 14.12 10.08 -0.50
CA GLN A 309 13.38 11.34 -0.57
C GLN A 309 13.26 11.88 -1.97
N GLU A 310 14.32 11.74 -2.75
CA GLU A 310 14.32 12.22 -4.11
C GLU A 310 13.42 11.41 -5.05
N SER A 311 13.44 10.08 -4.96
CA SER A 311 12.59 9.30 -5.86
C SER A 311 11.12 9.46 -5.51
N VAL A 312 10.84 9.62 -4.23
CA VAL A 312 9.48 9.78 -3.75
C VAL A 312 8.91 11.16 -4.13
N LYS A 313 9.76 12.19 -4.12
CA LYS A 313 9.32 13.53 -4.49
C LYS A 313 9.05 13.51 -5.99
N ASN A 314 9.88 12.76 -6.69
CA ASN A 314 9.80 12.60 -8.12
C ASN A 314 8.46 11.97 -8.49
N LYS A 315 8.11 10.90 -7.79
CA LYS A 315 6.85 10.21 -8.02
C LYS A 315 5.66 11.13 -7.74
N ALA A 316 5.77 11.93 -6.68
CA ALA A 316 4.71 12.86 -6.29
C ALA A 316 4.50 13.94 -7.35
N ARG A 317 5.57 14.42 -7.98
CA ARG A 317 5.43 15.44 -9.02
C ARG A 317 4.73 14.80 -10.21
N TYR A 318 5.12 13.58 -10.50
CA TYR A 318 4.53 12.85 -11.61
C TYR A 318 3.02 12.71 -11.43
N LEU A 319 2.56 12.34 -10.24
CA LEU A 319 1.13 12.20 -10.10
C LEU A 319 0.42 13.55 -10.10
N LYS A 320 1.08 14.64 -9.69
CA LYS A 320 0.44 15.97 -9.73
C LYS A 320 0.28 16.30 -11.22
N ASN A 321 1.34 16.06 -12.00
CA ASN A 321 1.34 16.33 -13.43
C ASN A 321 0.28 15.55 -14.21
N ARG A 322 -0.09 14.37 -13.72
CA ARG A 322 -1.12 13.60 -14.41
C ARG A 322 -2.48 13.86 -13.76
N GLN A 323 -2.50 14.83 -12.85
CA GLN A 323 -3.70 15.24 -12.14
C GLN A 323 -4.46 14.17 -11.38
N LEU A 324 -3.73 13.29 -10.70
CA LEU A 324 -4.39 12.23 -9.94
C LEU A 324 -4.90 12.80 -8.63
N ALA A 325 -5.75 12.04 -7.93
CA ALA A 325 -6.30 12.49 -6.68
C ALA A 325 -5.26 12.61 -5.55
N GLY A 326 -4.20 11.82 -5.62
CA GLY A 326 -3.20 11.89 -4.58
C GLY A 326 -2.23 10.73 -4.55
N ALA A 327 -1.64 10.52 -3.38
CA ALA A 327 -0.66 9.45 -3.18
C ALA A 327 -1.09 8.55 -2.03
N MET A 328 -0.59 7.32 -2.03
CA MET A 328 -0.88 6.35 -0.98
C MET A 328 0.49 5.86 -0.59
N VAL A 329 0.72 5.76 0.72
CA VAL A 329 2.00 5.33 1.24
C VAL A 329 1.87 4.03 2.03
N TRP A 330 2.70 3.06 1.67
CA TRP A 330 2.71 1.79 2.40
C TRP A 330 4.15 1.64 2.89
N ALA A 331 4.40 1.75 4.19
CA ALA A 331 3.40 2.01 5.24
C ALA A 331 4.09 2.89 6.27
N LEU A 332 3.32 3.61 7.07
CA LEU A 332 3.89 4.50 8.09
C LEU A 332 4.88 3.85 9.06
N ASP A 333 4.62 2.60 9.46
CA ASP A 333 5.51 1.91 10.38
C ASP A 333 6.83 1.46 9.75
N LEU A 334 6.98 1.68 8.45
CA LEU A 334 8.20 1.28 7.75
C LEU A 334 9.06 2.52 7.44
N ASP A 335 8.46 3.70 7.58
CA ASP A 335 9.16 4.95 7.36
C ASP A 335 9.94 5.17 8.65
N ASP A 336 10.85 6.14 8.68
CA ASP A 336 11.60 6.40 9.91
C ASP A 336 10.64 7.18 10.83
N PHE A 337 9.70 6.48 11.44
CA PHE A 337 8.71 7.15 12.28
C PHE A 337 9.26 7.80 13.55
N ARG A 338 10.31 7.24 14.14
CA ARG A 338 10.89 7.85 15.33
C ARG A 338 11.77 9.01 14.89
N GLY A 339 12.29 8.92 13.67
CA GLY A 339 13.13 9.97 13.14
C GLY A 339 14.55 9.96 13.66
N THR A 340 14.99 8.79 14.16
CA THR A 340 16.32 8.67 14.72
C THR A 340 17.26 7.73 13.99
N PHE A 341 16.88 7.23 12.82
CA PHE A 341 17.76 6.33 12.07
C PHE A 341 18.36 6.97 10.84
N CYS A 342 17.59 7.83 10.18
CA CYS A 342 18.03 8.39 8.92
C CYS A 342 18.87 9.67 8.81
N GLY A 343 19.42 10.12 9.93
CA GLY A 343 20.25 11.32 9.86
C GLY A 343 19.54 12.61 10.21
N GLN A 344 18.92 13.25 9.22
CA GLN A 344 18.22 14.51 9.44
C GLN A 344 17.03 14.46 10.37
N ASN A 345 17.26 14.90 11.60
CA ASN A 345 16.23 14.90 12.62
C ASN A 345 14.91 15.42 12.04
N LEU A 346 14.11 14.44 11.63
CA LEU A 346 12.80 14.64 11.01
C LEU A 346 12.06 13.31 11.09
N THR A 347 10.84 13.36 11.61
CA THR A 347 9.98 12.18 11.75
C THR A 347 9.32 11.92 10.37
N PHE A 348 9.17 10.66 9.99
CA PHE A 348 8.56 10.32 8.69
C PHE A 348 9.18 11.07 7.51
N PRO A 349 10.49 10.94 7.30
CA PRO A 349 11.13 11.63 6.19
C PRO A 349 10.54 11.33 4.81
N LEU A 350 10.27 10.07 4.51
CA LEU A 350 9.70 9.71 3.21
C LEU A 350 8.28 10.26 3.04
N THR A 351 7.40 9.98 4.00
CA THR A 351 6.03 10.46 3.91
C THR A 351 5.96 11.99 3.89
N SER A 352 6.83 12.66 4.63
CA SER A 352 6.84 14.12 4.67
C SER A 352 7.29 14.72 3.35
N ALA A 353 8.22 14.05 2.68
CA ALA A 353 8.71 14.52 1.39
C ALA A 353 7.55 14.48 0.39
N VAL A 354 6.72 13.45 0.46
CA VAL A 354 5.57 13.36 -0.43
C VAL A 354 4.61 14.50 -0.12
N LYS A 355 4.31 14.69 1.16
CA LYS A 355 3.39 15.75 1.57
C LYS A 355 3.85 17.13 1.11
N ASP A 356 5.13 17.41 1.25
CA ASP A 356 5.67 18.71 0.84
C ASP A 356 5.40 18.99 -0.62
N VAL A 357 5.65 18.01 -1.47
CA VAL A 357 5.42 18.20 -2.88
C VAL A 357 3.94 18.42 -3.16
N LEU A 358 3.09 17.63 -2.51
CA LEU A 358 1.65 17.74 -2.69
C LEU A 358 1.12 19.09 -2.18
N ALA A 359 1.76 19.64 -1.15
CA ALA A 359 1.35 20.92 -0.60
C ALA A 359 1.84 22.04 -1.50
N GLU A 360 2.83 21.71 -2.33
CA GLU A 360 3.41 22.63 -3.30
C GLU A 360 2.28 22.86 -4.31
N VAL A 361 2.51 23.70 -5.31
CA VAL A 361 1.49 23.90 -6.31
C VAL A 361 1.53 22.69 -7.25
N TRP B 1 4.36 -16.22 1.37
CA TRP B 1 4.84 -17.37 0.52
C TRP B 1 5.84 -18.20 1.34
N PRO B 2 6.73 -17.51 2.06
CA PRO B 2 7.78 -18.03 2.92
C PRO B 2 7.36 -19.15 3.92
N TRP B 3 6.51 -20.06 3.46
CA TRP B 3 6.00 -21.20 4.26
C TRP B 3 7.00 -22.35 4.17
C1 NAG C . -10.16 -14.95 10.91
C2 NAG C . -9.34 -15.58 12.05
C3 NAG C . -9.35 -17.12 12.03
C4 NAG C . -10.67 -17.85 11.62
C5 NAG C . -11.35 -16.96 10.57
C6 NAG C . -12.70 -17.44 10.18
C7 NAG C . -7.51 -14.57 13.14
C8 NAG C . -6.11 -13.99 13.14
N2 NAG C . -7.97 -15.11 12.03
O3 NAG C . -8.89 -17.61 13.28
O4 NAG C . -10.38 -19.18 11.06
O5 NAG C . -11.44 -15.54 10.89
O6 NAG C . -13.49 -17.74 11.31
O7 NAG C . -8.18 -14.54 14.17
C1 NAG C . -11.12 -20.23 11.68
C2 NAG C . -10.33 -21.52 11.06
C3 NAG C . -10.93 -22.78 11.78
C4 NAG C . -10.87 -22.75 13.27
C5 NAG C . -11.00 -21.33 13.97
C6 NAG C . -10.07 -21.12 15.09
C7 NAG C . -10.12 -20.77 8.66
C8 NAG C . -11.18 -20.29 7.70
N2 NAG C . -10.51 -21.67 9.59
O3 NAG C . -10.33 -24.04 11.42
O4 NAG C . -11.96 -23.51 13.86
O5 NAG C . -10.73 -20.15 13.16
O6 NAG C . -8.75 -20.75 14.65
O7 NAG C . -8.99 -20.31 8.65
C1 MAN C . -12.34 -24.83 14.06
C2 MAN C . -12.65 -24.82 15.44
C3 MAN C . -12.63 -26.23 15.85
C4 MAN C . -13.28 -27.14 14.93
C5 MAN C . -12.16 -27.27 13.95
C6 MAN C . -12.66 -27.64 12.66
O2 MAN C . -13.94 -24.22 15.62
O3 MAN C . -13.46 -26.21 16.84
O4 MAN C . -13.68 -28.38 15.60
O5 MAN C . -11.46 -25.96 13.74
O6 MAN C . -11.71 -27.23 11.70
C1 MAN C . -14.58 -26.16 17.80
C2 MAN C . -14.64 -25.15 18.83
C3 MAN C . -14.92 -25.78 20.13
C4 MAN C . -16.31 -26.41 20.05
C5 MAN C . -16.47 -27.34 18.87
C6 MAN C . -17.58 -26.98 17.91
O2 MAN C . -15.48 -24.08 18.48
O3 MAN C . -14.87 -24.79 21.14
O4 MAN C . -16.55 -27.12 21.24
O5 MAN C . -15.25 -27.43 18.12
O6 MAN C . -17.71 -27.94 16.87
C1 MAN C . -11.88 -28.40 10.70
C2 MAN C . -12.65 -28.01 9.47
C3 MAN C . -12.56 -29.17 8.54
C4 MAN C . -11.12 -29.75 8.42
C5 MAN C . -10.36 -29.88 9.74
C6 MAN C . -8.87 -30.02 9.49
O2 MAN C . -12.10 -26.82 8.91
O3 MAN C . -13.00 -28.75 7.27
O4 MAN C . -11.21 -31.03 7.83
O5 MAN C . -10.51 -28.70 10.49
O6 MAN C . -8.38 -31.24 10.01
C1 NAG D . 2.74 -7.57 4.19
C2 NAG D . 3.81 -7.59 5.27
C3 NAG D . 4.01 -9.04 5.75
C4 NAG D . 2.64 -9.37 6.38
C5 NAG D . 1.51 -9.27 5.36
C6 NAG D . 0.21 -9.45 6.11
C7 NAG D . 4.96 -5.55 4.95
C8 NAG D . 6.26 -4.78 5.01
N2 NAG D . 5.00 -6.88 4.86
O3 NAG D . 5.04 -9.07 6.72
O4 NAG D . 2.57 -10.65 7.03
O5 NAG D . 1.48 -7.96 4.77
O6 NAG D . -0.90 -9.41 5.22
O7 NAG D . 3.90 -4.92 5.02
C1 NAG D . 2.70 -10.54 8.40
C2 NAG D . 1.49 -11.10 9.23
C3 NAG D . 1.87 -10.93 10.75
C4 NAG D . 3.33 -11.46 11.06
C5 NAG D . 4.31 -10.90 10.04
C6 NAG D . 5.74 -11.37 10.16
C7 NAG D . -0.93 -10.76 9.42
C8 NAG D . -2.17 -9.99 8.93
N2 NAG D . 0.26 -10.40 8.89
O3 NAG D . 0.92 -11.60 11.56
O4 NAG D . 3.80 -11.08 12.38
O5 NAG D . 3.88 -11.24 8.73
O6 NAG D . 6.44 -11.16 8.92
O7 NAG D . -1.06 -11.65 10.28
C1 NAG D . 3.45 -11.87 13.46
C2 NAG D . 4.48 -11.70 14.63
C3 NAG D . 4.01 -12.45 15.90
C4 NAG D . 2.51 -12.13 16.19
C5 NAG D . 1.58 -12.17 14.96
C6 NAG D . 0.23 -11.52 15.27
C7 NAG D . 6.74 -12.86 14.73
C8 NAG D . 7.73 -13.42 13.70
N2 NAG D . 5.88 -11.95 14.22
O3 NAG D . 4.77 -12.01 17.01
O4 NAG D . 2.00 -13.04 17.17
O5 NAG D . 2.16 -11.41 13.87
O6 NAG D . -0.81 -12.03 14.43
O7 NAG D . 6.85 -13.18 15.92
#